data_1WNM
#
_entry.id   1WNM
#
_entity_poly.entity_id   1
_entity_poly.type   'polypeptide(L)'
_entity_poly.pdbx_seq_one_letter_code
;ESPEQRATRLKRMSEYAAKRLSS
;
_entity_poly.pdbx_strand_id   A
#
# COMPACT_ATOMS: atom_id res chain seq x y z
N GLU A 1 13.05 10.59 -3.92
CA GLU A 1 12.32 9.75 -2.95
C GLU A 1 11.49 10.60 -1.99
N SER A 2 10.62 11.42 -2.55
CA SER A 2 9.76 12.29 -1.75
C SER A 2 8.83 11.46 -0.86
N PRO A 3 8.20 12.12 0.14
CA PRO A 3 7.28 11.43 1.05
C PRO A 3 6.02 10.93 0.35
N GLU A 4 5.65 11.61 -0.73
CA GLU A 4 4.46 11.24 -1.49
C GLU A 4 4.61 9.83 -2.07
N GLN A 5 5.76 9.57 -2.69
CA GLN A 5 6.03 8.27 -3.28
C GLN A 5 5.90 7.15 -2.23
N ARG A 6 6.30 7.45 -1.01
CA ARG A 6 6.24 6.48 0.07
C ARG A 6 4.80 6.07 0.35
N ALA A 7 3.94 7.05 0.56
CA ALA A 7 2.53 6.79 0.84
C ALA A 7 1.87 6.06 -0.32
N THR A 8 2.24 6.42 -1.54
CA THR A 8 1.70 5.79 -2.73
C THR A 8 1.94 4.28 -2.72
N ARG A 9 3.21 3.90 -2.78
CA ARG A 9 3.58 2.49 -2.77
C ARG A 9 3.11 1.81 -1.49
N LEU A 10 3.15 2.55 -0.39
CA LEU A 10 2.73 2.03 0.91
C LEU A 10 1.24 1.72 0.90
N LYS A 11 0.44 2.66 0.40
CA LYS A 11 -1.01 2.48 0.34
C LYS A 11 -1.37 1.30 -0.55
N ARG A 12 -0.80 1.27 -1.76
CA ARG A 12 -1.08 0.20 -2.70
C ARG A 12 -0.75 -1.16 -2.11
N MET A 13 0.44 -1.27 -1.53
CA MET A 13 0.89 -2.52 -0.92
C MET A 13 0.01 -2.89 0.27
N SER A 14 -0.48 -1.87 0.97
CA SER A 14 -1.33 -2.09 2.14
C SER A 14 -2.71 -2.59 1.73
N GLU A 15 -3.42 -1.78 0.94
CA GLU A 15 -4.74 -2.13 0.48
C GLU A 15 -4.73 -3.51 -0.19
N TYR A 16 -3.62 -3.82 -0.86
CA TYR A 16 -3.48 -5.10 -1.52
C TYR A 16 -3.33 -6.21 -0.49
N ALA A 17 -2.36 -6.03 0.41
CA ALA A 17 -2.10 -7.00 1.47
C ALA A 17 -3.37 -7.27 2.27
N ALA A 18 -4.12 -6.20 2.56
CA ALA A 18 -5.36 -6.32 3.30
C ALA A 18 -6.35 -7.18 2.55
N LYS A 19 -6.77 -6.72 1.38
CA LYS A 19 -7.73 -7.45 0.56
C LYS A 19 -7.28 -8.90 0.35
N ARG A 20 -6.01 -9.08 -0.01
CA ARG A 20 -5.47 -10.42 -0.23
C ARG A 20 -5.53 -11.25 1.04
N LEU A 21 -4.98 -10.70 2.13
CA LEU A 21 -4.97 -11.39 3.42
C LEU A 21 -6.36 -11.91 3.77
N SER A 22 -7.36 -11.06 3.60
CA SER A 22 -8.73 -11.43 3.91
C SER A 22 -9.37 -12.17 2.75
N SER A 23 -10.52 -12.77 2.99
CA SER A 23 -11.24 -13.53 1.97
C SER A 23 -12.57 -14.06 2.50
N GLU A 1 13.32 8.48 -4.98
CA GLU A 1 12.95 8.67 -3.56
C GLU A 1 12.25 10.01 -3.34
N SER A 2 11.16 9.99 -2.58
CA SER A 2 10.39 11.19 -2.30
C SER A 2 9.26 10.91 -1.32
N PRO A 3 8.66 11.96 -0.75
CA PRO A 3 7.55 11.82 0.21
C PRO A 3 6.29 11.27 -0.43
N GLU A 4 6.11 11.57 -1.72
CA GLU A 4 4.94 11.10 -2.46
C GLU A 4 4.92 9.58 -2.54
N GLN A 5 6.00 8.99 -3.05
CA GLN A 5 6.11 7.54 -3.18
C GLN A 5 5.83 6.86 -1.85
N ARG A 6 6.13 7.55 -0.75
CA ARG A 6 5.92 7.01 0.59
C ARG A 6 4.45 6.65 0.80
N ALA A 7 3.59 7.65 0.67
CA ALA A 7 2.16 7.45 0.85
C ALA A 7 1.59 6.52 -0.23
N THR A 8 2.04 6.70 -1.46
CA THR A 8 1.59 5.89 -2.57
C THR A 8 1.88 4.41 -2.31
N ARG A 9 3.16 4.08 -2.17
CA ARG A 9 3.56 2.70 -1.92
C ARG A 9 2.94 2.19 -0.62
N LEU A 10 2.77 3.09 0.34
CA LEU A 10 2.18 2.74 1.63
C LEU A 10 0.72 2.37 1.47
N LYS A 11 -0.05 3.26 0.84
CA LYS A 11 -1.47 3.02 0.62
C LYS A 11 -1.69 1.76 -0.21
N ARG A 12 -0.90 1.60 -1.25
CA ARG A 12 -1.01 0.43 -2.12
C ARG A 12 -0.68 -0.85 -1.35
N MET A 13 0.30 -0.75 -0.46
CA MET A 13 0.70 -1.90 0.35
C MET A 13 -0.41 -2.35 1.29
N SER A 14 -1.09 -1.38 1.89
CA SER A 14 -2.19 -1.67 2.81
C SER A 14 -3.37 -2.29 2.09
N GLU A 15 -3.90 -1.56 1.11
CA GLU A 15 -5.04 -2.03 0.34
C GLU A 15 -4.78 -3.45 -0.20
N TYR A 16 -3.56 -3.66 -0.68
CA TYR A 16 -3.18 -4.96 -1.20
C TYR A 16 -3.23 -6.02 -0.11
N ALA A 17 -2.56 -5.73 1.00
CA ALA A 17 -2.53 -6.65 2.13
C ALA A 17 -3.94 -7.02 2.58
N ALA A 18 -4.79 -6.01 2.71
CA ALA A 18 -6.17 -6.22 3.12
C ALA A 18 -6.88 -7.18 2.17
N LYS A 19 -7.05 -6.74 0.93
CA LYS A 19 -7.71 -7.54 -0.10
C LYS A 19 -7.13 -8.95 -0.16
N ARG A 20 -5.81 -9.05 -0.34
CA ARG A 20 -5.14 -10.33 -0.42
C ARG A 20 -5.37 -11.15 0.85
N LEU A 21 -5.18 -10.51 2.00
CA LEU A 21 -5.36 -11.18 3.29
C LEU A 21 -6.73 -11.85 3.36
N SER A 22 -7.74 -11.16 2.85
CA SER A 22 -9.10 -11.69 2.86
C SER A 22 -9.23 -12.90 1.92
N SER A 23 -8.64 -14.01 2.32
CA SER A 23 -8.69 -15.22 1.52
C SER A 23 -10.13 -15.70 1.33
N GLU A 1 14.51 11.02 -2.34
CA GLU A 1 13.20 10.32 -2.40
C GLU A 1 12.03 11.30 -2.30
N SER A 2 10.82 10.77 -2.35
CA SER A 2 9.62 11.59 -2.27
C SER A 2 8.72 11.13 -1.12
N PRO A 3 8.05 12.07 -0.44
CA PRO A 3 7.16 11.75 0.68
C PRO A 3 5.85 11.13 0.22
N GLU A 4 5.25 11.72 -0.81
CA GLU A 4 3.99 11.22 -1.35
C GLU A 4 4.15 9.80 -1.90
N GLN A 5 5.25 9.57 -2.61
CA GLN A 5 5.53 8.26 -3.19
C GLN A 5 5.50 7.16 -2.12
N ARG A 6 5.97 7.51 -0.93
CA ARG A 6 6.00 6.56 0.18
C ARG A 6 4.59 6.06 0.51
N ALA A 7 3.68 6.99 0.72
CA ALA A 7 2.29 6.65 1.04
C ALA A 7 1.63 5.89 -0.10
N THR A 8 1.96 6.27 -1.34
CA THR A 8 1.41 5.62 -2.51
C THR A 8 1.75 4.13 -2.53
N ARG A 9 3.04 3.83 -2.65
CA ARG A 9 3.50 2.45 -2.68
C ARG A 9 3.11 1.72 -1.39
N LEU A 10 3.05 2.46 -0.29
CA LEU A 10 2.68 1.89 1.00
C LEU A 10 1.20 1.52 1.02
N LYS A 11 0.36 2.45 0.60
CA LYS A 11 -1.08 2.21 0.56
C LYS A 11 -1.44 1.11 -0.43
N ARG A 12 -0.90 1.22 -1.64
CA ARG A 12 -1.14 0.24 -2.69
C ARG A 12 -0.74 -1.17 -2.23
N MET A 13 0.46 -1.27 -1.68
CA MET A 13 0.97 -2.55 -1.20
C MET A 13 0.13 -3.09 -0.04
N SER A 14 -0.25 -2.19 0.87
CA SER A 14 -1.04 -2.57 2.03
C SER A 14 -2.46 -2.96 1.61
N GLU A 15 -3.12 -2.08 0.88
CA GLU A 15 -4.48 -2.33 0.42
C GLU A 15 -4.55 -3.66 -0.32
N TYR A 16 -3.53 -3.94 -1.12
CA TYR A 16 -3.46 -5.18 -1.87
C TYR A 16 -3.30 -6.37 -0.94
N ALA A 17 -2.29 -6.30 -0.08
CA ALA A 17 -2.02 -7.37 0.87
C ALA A 17 -3.25 -7.65 1.74
N ALA A 18 -3.79 -6.59 2.33
CA ALA A 18 -4.98 -6.72 3.17
C ALA A 18 -6.12 -7.41 2.43
N LYS A 19 -6.61 -6.75 1.38
CA LYS A 19 -7.70 -7.29 0.58
C LYS A 19 -7.45 -8.75 0.21
N ARG A 20 -6.27 -9.03 -0.34
CA ARG A 20 -5.92 -10.39 -0.73
C ARG A 20 -5.88 -11.33 0.48
N LEU A 21 -5.10 -10.94 1.48
CA LEU A 21 -4.98 -11.73 2.70
C LEU A 21 -6.33 -12.00 3.32
N SER A 22 -6.87 -11.01 4.01
CA SER A 22 -8.18 -11.12 4.65
C SER A 22 -9.28 -11.33 3.62
N SER A 23 -10.35 -12.00 4.02
CA SER A 23 -11.47 -12.26 3.12
C SER A 23 -12.10 -10.95 2.64
N GLU A 1 13.78 9.00 -1.83
CA GLU A 1 12.31 8.92 -2.08
C GLU A 1 11.58 10.07 -1.39
N SER A 2 10.35 10.33 -1.81
CA SER A 2 9.54 11.39 -1.23
C SER A 2 8.47 10.82 -0.30
N PRO A 3 7.87 11.67 0.55
CA PRO A 3 6.83 11.24 1.49
C PRO A 3 5.56 10.78 0.79
N GLU A 4 5.06 11.62 -0.11
CA GLU A 4 3.84 11.31 -0.84
C GLU A 4 4.04 10.06 -1.72
N GLN A 5 5.20 9.98 -2.36
CA GLN A 5 5.51 8.85 -3.23
C GLN A 5 5.51 7.55 -2.43
N ARG A 6 6.15 7.58 -1.27
CA ARG A 6 6.23 6.40 -0.41
C ARG A 6 4.84 5.94 0.02
N ALA A 7 4.00 6.89 0.39
CA ALA A 7 2.64 6.59 0.82
C ALA A 7 1.83 5.95 -0.31
N THR A 8 2.06 6.41 -1.53
CA THR A 8 1.36 5.88 -2.70
C THR A 8 1.61 4.39 -2.85
N ARG A 9 2.86 4.02 -3.13
CA ARG A 9 3.23 2.62 -3.29
C ARG A 9 2.92 1.84 -2.03
N LEU A 10 3.04 2.50 -0.88
CA LEU A 10 2.78 1.86 0.40
C LEU A 10 1.29 1.58 0.57
N LYS A 11 0.46 2.53 0.15
CA LYS A 11 -0.98 2.39 0.24
C LYS A 11 -1.48 1.26 -0.65
N ARG A 12 -1.08 1.29 -1.93
CA ARG A 12 -1.48 0.27 -2.88
C ARG A 12 -1.02 -1.11 -2.43
N MET A 13 0.21 -1.19 -1.94
CA MET A 13 0.77 -2.45 -1.47
C MET A 13 0.00 -2.98 -0.27
N SER A 14 -0.32 -2.08 0.66
CA SER A 14 -1.05 -2.45 1.86
C SER A 14 -2.47 -2.90 1.53
N GLU A 15 -3.22 -2.02 0.88
CA GLU A 15 -4.59 -2.32 0.50
C GLU A 15 -4.67 -3.66 -0.22
N TYR A 16 -3.73 -3.89 -1.12
CA TYR A 16 -3.67 -5.13 -1.87
C TYR A 16 -3.45 -6.31 -0.93
N ALA A 17 -2.39 -6.22 -0.12
CA ALA A 17 -2.07 -7.27 0.82
C ALA A 17 -3.26 -7.58 1.72
N ALA A 18 -3.96 -6.53 2.14
CA ALA A 18 -5.14 -6.69 2.99
C ALA A 18 -6.19 -7.54 2.29
N LYS A 19 -6.71 -7.03 1.18
CA LYS A 19 -7.72 -7.73 0.41
C LYS A 19 -7.27 -9.15 0.07
N ARG A 20 -6.09 -9.26 -0.52
CA ARG A 20 -5.54 -10.55 -0.90
C ARG A 20 -5.39 -11.46 0.32
N LEU A 21 -4.88 -10.91 1.41
CA LEU A 21 -4.69 -11.66 2.65
C LEU A 21 -5.94 -12.45 3.01
N SER A 22 -7.00 -11.74 3.32
CA SER A 22 -8.27 -12.37 3.69
C SER A 22 -9.36 -11.31 3.89
N SER A 23 -9.24 -10.54 4.97
CA SER A 23 -10.21 -9.50 5.27
C SER A 23 -10.22 -8.42 4.20
N GLU A 1 14.27 10.57 -2.99
CA GLU A 1 12.81 10.59 -3.30
C GLU A 1 12.05 11.45 -2.30
N SER A 2 10.73 11.50 -2.46
CA SER A 2 9.88 12.27 -1.56
C SER A 2 9.04 11.36 -0.68
N PRO A 3 8.44 11.91 0.39
CA PRO A 3 7.60 11.14 1.32
C PRO A 3 6.29 10.68 0.67
N GLU A 4 5.82 11.47 -0.30
CA GLU A 4 4.58 11.16 -1.01
C GLU A 4 4.67 9.81 -1.69
N GLN A 5 5.82 9.54 -2.30
CA GLN A 5 6.04 8.28 -3.01
C GLN A 5 5.88 7.10 -2.06
N ARG A 6 6.35 7.25 -0.84
CA ARG A 6 6.24 6.19 0.17
C ARG A 6 4.78 5.86 0.45
N ALA A 7 3.99 6.90 0.68
CA ALA A 7 2.57 6.72 0.97
C ALA A 7 1.85 6.04 -0.19
N THR A 8 2.22 6.43 -1.41
CA THR A 8 1.62 5.85 -2.61
C THR A 8 1.85 4.35 -2.66
N ARG A 9 3.12 3.95 -2.76
CA ARG A 9 3.47 2.54 -2.81
C ARG A 9 2.99 1.83 -1.56
N LEU A 10 2.95 2.54 -0.44
CA LEU A 10 2.50 1.98 0.82
C LEU A 10 1.01 1.68 0.77
N LYS A 11 0.24 2.63 0.23
CA LYS A 11 -1.20 2.48 0.12
C LYS A 11 -1.55 1.29 -0.78
N ARG A 12 -0.89 1.22 -1.93
CA ARG A 12 -1.13 0.13 -2.88
C ARG A 12 -0.77 -1.21 -2.27
N MET A 13 0.33 -1.25 -1.53
CA MET A 13 0.77 -2.48 -0.89
C MET A 13 -0.19 -2.90 0.21
N SER A 14 -0.67 -1.93 0.98
CA SER A 14 -1.61 -2.21 2.06
C SER A 14 -2.96 -2.65 1.52
N GLU A 15 -3.57 -1.79 0.71
CA GLU A 15 -4.87 -2.09 0.12
C GLU A 15 -4.85 -3.46 -0.54
N TYR A 16 -3.74 -3.76 -1.22
CA TYR A 16 -3.59 -5.05 -1.89
C TYR A 16 -3.55 -6.17 -0.86
N ALA A 17 -2.63 -6.07 0.08
CA ALA A 17 -2.49 -7.08 1.13
C ALA A 17 -3.84 -7.37 1.80
N ALA A 18 -4.58 -6.30 2.09
CA ALA A 18 -5.89 -6.43 2.71
C ALA A 18 -6.82 -7.26 1.83
N LYS A 19 -7.12 -6.74 0.65
CA LYS A 19 -8.00 -7.41 -0.29
C LYS A 19 -7.52 -8.84 -0.56
N ARG A 20 -6.21 -9.00 -0.74
CA ARG A 20 -5.63 -10.31 -1.00
C ARG A 20 -5.78 -11.23 0.21
N LEU A 21 -5.41 -10.73 1.37
CA LEU A 21 -5.50 -11.50 2.60
C LEU A 21 -6.91 -12.02 2.82
N SER A 22 -7.89 -11.16 2.58
CA SER A 22 -9.30 -11.53 2.75
C SER A 22 -9.60 -11.90 4.20
N SER A 23 -9.26 -13.13 4.58
CA SER A 23 -9.50 -13.60 5.95
C SER A 23 -8.75 -12.75 6.95
N GLU A 1 14.12 12.77 -2.79
CA GLU A 1 12.88 11.94 -2.85
C GLU A 1 11.77 12.58 -2.03
N SER A 2 10.53 12.28 -2.41
CA SER A 2 9.37 12.82 -1.71
C SER A 2 8.75 11.77 -0.78
N PRO A 3 8.17 12.21 0.35
CA PRO A 3 7.54 11.31 1.32
C PRO A 3 6.24 10.71 0.80
N GLU A 4 5.54 11.48 -0.04
CA GLU A 4 4.27 11.03 -0.61
C GLU A 4 4.46 9.78 -1.45
N GLN A 5 5.63 9.67 -2.08
CA GLN A 5 5.93 8.52 -2.92
C GLN A 5 5.87 7.22 -2.12
N ARG A 6 6.49 7.23 -0.94
CA ARG A 6 6.49 6.07 -0.07
C ARG A 6 5.07 5.64 0.30
N ALA A 7 4.24 6.61 0.66
CA ALA A 7 2.87 6.34 1.04
C ALA A 7 2.09 5.73 -0.13
N THR A 8 2.36 6.19 -1.34
CA THR A 8 1.69 5.68 -2.53
C THR A 8 1.93 4.19 -2.69
N ARG A 9 3.18 3.81 -2.91
CA ARG A 9 3.54 2.41 -3.08
C ARG A 9 3.18 1.61 -1.83
N LEU A 10 3.31 2.24 -0.67
CA LEU A 10 3.00 1.60 0.60
C LEU A 10 1.51 1.27 0.67
N LYS A 11 0.67 2.24 0.35
CA LYS A 11 -0.77 2.05 0.39
C LYS A 11 -1.20 0.97 -0.60
N ARG A 12 -0.62 1.01 -1.81
CA ARG A 12 -0.94 0.04 -2.84
C ARG A 12 -0.63 -1.37 -2.37
N MET A 13 0.54 -1.54 -1.75
CA MET A 13 0.96 -2.85 -1.26
C MET A 13 0.04 -3.33 -0.13
N SER A 14 -0.33 -2.41 0.75
CA SER A 14 -1.19 -2.73 1.88
C SER A 14 -2.61 -3.05 1.40
N GLU A 15 -3.20 -2.14 0.65
CA GLU A 15 -4.55 -2.31 0.13
C GLU A 15 -4.66 -3.64 -0.61
N TYR A 16 -3.62 -3.98 -1.38
CA TYR A 16 -3.61 -5.22 -2.14
C TYR A 16 -3.56 -6.41 -1.19
N ALA A 17 -2.59 -6.39 -0.27
CA ALA A 17 -2.44 -7.46 0.70
C ALA A 17 -3.72 -7.66 1.49
N ALA A 18 -4.33 -6.56 1.91
CA ALA A 18 -5.57 -6.60 2.67
C ALA A 18 -6.65 -7.32 1.89
N LYS A 19 -7.03 -6.73 0.75
CA LYS A 19 -8.06 -7.30 -0.12
C LYS A 19 -7.80 -8.78 -0.40
N ARG A 20 -6.59 -9.09 -0.89
CA ARG A 20 -6.23 -10.46 -1.21
C ARG A 20 -6.26 -11.34 0.04
N LEU A 21 -5.66 -10.85 1.13
CA LEU A 21 -5.62 -11.60 2.37
C LEU A 21 -7.02 -11.97 2.83
N SER A 22 -7.91 -10.98 2.89
CA SER A 22 -9.28 -11.19 3.32
C SER A 22 -9.34 -11.72 4.75
N SER A 23 -10.44 -11.42 5.44
CA SER A 23 -10.61 -11.87 6.81
C SER A 23 -10.60 -13.39 6.91
N GLU A 1 12.86 7.58 -3.86
CA GLU A 1 13.45 8.78 -3.24
C GLU A 1 12.51 9.99 -3.33
N SER A 2 11.24 9.76 -3.02
CA SER A 2 10.24 10.82 -3.07
C SER A 2 9.37 10.79 -1.82
N PRO A 3 8.88 11.96 -1.38
CA PRO A 3 8.02 12.07 -0.19
C PRO A 3 6.64 11.46 -0.42
N GLU A 4 6.02 11.81 -1.54
CA GLU A 4 4.69 11.31 -1.88
C GLU A 4 4.75 9.81 -2.17
N GLN A 5 5.89 9.34 -2.67
CA GLN A 5 6.07 7.93 -3.00
C GLN A 5 5.79 7.05 -1.78
N ARG A 6 6.12 7.56 -0.60
CA ARG A 6 5.90 6.81 0.64
C ARG A 6 4.42 6.50 0.83
N ALA A 7 3.59 7.54 0.75
CA ALA A 7 2.15 7.37 0.91
C ALA A 7 1.58 6.49 -0.19
N THR A 8 2.09 6.65 -1.41
CA THR A 8 1.63 5.87 -2.55
C THR A 8 1.87 4.39 -2.32
N ARG A 9 3.14 4.00 -2.18
CA ARG A 9 3.49 2.61 -1.96
C ARG A 9 2.86 2.10 -0.66
N LEU A 10 2.69 3.01 0.30
CA LEU A 10 2.10 2.65 1.58
C LEU A 10 0.62 2.30 1.42
N LYS A 11 -0.11 3.15 0.71
CA LYS A 11 -1.53 2.93 0.48
C LYS A 11 -1.75 1.64 -0.31
N ARG A 12 -0.97 1.47 -1.38
CA ARG A 12 -1.07 0.29 -2.22
C ARG A 12 -0.77 -0.98 -1.43
N MET A 13 0.21 -0.89 -0.54
CA MET A 13 0.61 -2.02 0.28
C MET A 13 -0.51 -2.41 1.25
N SER A 14 -1.19 -1.40 1.81
CA SER A 14 -2.27 -1.64 2.75
C SER A 14 -3.47 -2.27 2.04
N GLU A 15 -4.00 -1.55 1.04
CA GLU A 15 -5.15 -2.03 0.30
C GLU A 15 -4.92 -3.45 -0.20
N TYR A 16 -3.71 -3.71 -0.68
CA TYR A 16 -3.36 -5.04 -1.17
C TYR A 16 -3.40 -6.06 -0.04
N ALA A 17 -2.70 -5.74 1.06
CA ALA A 17 -2.67 -6.62 2.22
C ALA A 17 -4.08 -6.93 2.70
N ALA A 18 -4.93 -5.91 2.73
CA ALA A 18 -6.31 -6.09 3.16
C ALA A 18 -7.03 -7.10 2.27
N LYS A 19 -7.17 -6.76 0.99
CA LYS A 19 -7.83 -7.63 0.03
C LYS A 19 -7.21 -9.03 0.01
N ARG A 20 -5.90 -9.08 -0.15
CA ARG A 20 -5.19 -10.36 -0.21
C ARG A 20 -5.34 -11.14 1.09
N LEU A 21 -5.29 -10.44 2.22
CA LEU A 21 -5.43 -11.08 3.52
C LEU A 21 -6.72 -11.87 3.61
N SER A 22 -7.82 -11.26 3.14
CA SER A 22 -9.12 -11.91 3.17
C SER A 22 -9.12 -13.16 2.30
N SER A 23 -8.39 -13.12 1.19
CA SER A 23 -8.31 -14.25 0.28
C SER A 23 -7.74 -15.48 0.98
N GLU A 1 12.76 8.38 -1.92
CA GLU A 1 11.63 9.05 -2.61
C GLU A 1 10.92 10.02 -1.68
N SER A 2 10.08 10.87 -2.25
CA SER A 2 9.33 11.86 -1.48
C SER A 2 8.29 11.18 -0.60
N PRO A 3 7.74 11.90 0.40
CA PRO A 3 6.72 11.35 1.30
C PRO A 3 5.46 10.94 0.57
N GLU A 4 5.04 11.76 -0.39
CA GLU A 4 3.84 11.47 -1.17
C GLU A 4 3.99 10.17 -1.94
N GLN A 5 5.07 10.07 -2.72
CA GLN A 5 5.33 8.87 -3.51
C GLN A 5 5.44 7.64 -2.61
N ARG A 6 6.12 7.79 -1.48
CA ARG A 6 6.30 6.70 -0.54
C ARG A 6 4.95 6.17 -0.05
N ALA A 7 4.07 7.09 0.33
CA ALA A 7 2.74 6.73 0.80
C ALA A 7 1.94 6.01 -0.28
N THR A 8 2.06 6.48 -1.51
CA THR A 8 1.35 5.88 -2.63
C THR A 8 1.69 4.41 -2.77
N ARG A 9 2.95 4.12 -3.11
CA ARG A 9 3.40 2.75 -3.27
C ARG A 9 3.20 1.95 -1.99
N LEU A 10 3.32 2.63 -0.85
CA LEU A 10 3.14 2.00 0.45
C LEU A 10 1.69 1.55 0.63
N LYS A 11 0.76 2.44 0.28
CA LYS A 11 -0.66 2.13 0.41
C LYS A 11 -1.06 1.00 -0.52
N ARG A 12 -0.48 0.98 -1.72
CA ARG A 12 -0.78 -0.05 -2.71
C ARG A 12 -0.31 -1.41 -2.21
N MET A 13 0.90 -1.46 -1.66
CA MET A 13 1.46 -2.70 -1.15
C MET A 13 0.66 -3.22 0.03
N SER A 14 0.24 -2.31 0.91
CA SER A 14 -0.53 -2.67 2.08
C SER A 14 -1.98 -2.96 1.73
N GLU A 15 -2.62 -2.01 1.05
CA GLU A 15 -4.01 -2.16 0.64
C GLU A 15 -4.23 -3.48 -0.10
N TYR A 16 -3.24 -3.88 -0.89
CA TYR A 16 -3.31 -5.13 -1.64
C TYR A 16 -3.25 -6.31 -0.67
N ALA A 17 -2.21 -6.31 0.17
CA ALA A 17 -2.03 -7.37 1.15
C ALA A 17 -3.25 -7.49 2.06
N ALA A 18 -3.81 -6.34 2.42
CA ALA A 18 -4.98 -6.30 3.28
C ALA A 18 -6.16 -6.99 2.62
N LYS A 19 -6.58 -6.43 1.49
CA LYS A 19 -7.71 -6.98 0.73
C LYS A 19 -7.51 -8.47 0.44
N ARG A 20 -6.36 -8.81 -0.14
CA ARG A 20 -6.07 -10.21 -0.47
C ARG A 20 -6.03 -11.08 0.78
N LEU A 21 -5.40 -10.57 1.84
CA LEU A 21 -5.31 -11.32 3.08
C LEU A 21 -6.69 -11.74 3.58
N SER A 22 -7.41 -10.80 4.18
CA SER A 22 -8.74 -11.08 4.70
C SER A 22 -9.74 -11.26 3.55
N SER A 23 -9.97 -12.52 3.19
CA SER A 23 -10.90 -12.85 2.11
C SER A 23 -12.30 -12.35 2.44
N GLU A 1 12.97 8.31 -3.03
CA GLU A 1 12.11 8.05 -1.86
C GLU A 1 11.40 9.31 -1.39
N SER A 2 10.58 9.89 -2.25
CA SER A 2 9.84 11.10 -1.93
C SER A 2 8.78 10.84 -0.87
N PRO A 3 8.24 11.90 -0.24
CA PRO A 3 7.21 11.77 0.79
C PRO A 3 5.90 11.23 0.24
N GLU A 4 5.44 11.83 -0.86
CA GLU A 4 4.20 11.43 -1.49
C GLU A 4 4.26 9.97 -1.94
N GLN A 5 5.34 9.61 -2.63
CA GLN A 5 5.53 8.25 -3.12
C GLN A 5 5.48 7.25 -1.96
N ARG A 6 5.90 7.70 -0.79
CA ARG A 6 5.91 6.85 0.40
C ARG A 6 4.51 6.33 0.71
N ALA A 7 3.57 7.26 0.89
CA ALA A 7 2.19 6.91 1.19
C ALA A 7 1.53 6.17 0.03
N THR A 8 1.79 6.65 -1.18
CA THR A 8 1.23 6.03 -2.38
C THR A 8 1.61 4.55 -2.46
N ARG A 9 2.90 4.28 -2.59
CA ARG A 9 3.39 2.91 -2.67
C ARG A 9 3.00 2.12 -1.42
N LEU A 10 2.93 2.81 -0.29
CA LEU A 10 2.56 2.17 0.98
C LEU A 10 1.10 1.75 0.96
N LYS A 11 0.23 2.65 0.53
CA LYS A 11 -1.20 2.37 0.48
C LYS A 11 -1.49 1.22 -0.49
N ARG A 12 -0.96 1.33 -1.70
CA ARG A 12 -1.16 0.31 -2.72
C ARG A 12 -0.67 -1.05 -2.23
N MET A 13 0.49 -1.05 -1.58
CA MET A 13 1.07 -2.28 -1.06
C MET A 13 0.21 -2.87 0.05
N SER A 14 -0.28 -1.99 0.92
CA SER A 14 -1.11 -2.43 2.05
C SER A 14 -2.51 -2.84 1.57
N GLU A 15 -3.19 -1.92 0.89
CA GLU A 15 -4.53 -2.20 0.39
C GLU A 15 -4.55 -3.50 -0.41
N TYR A 16 -3.48 -3.74 -1.17
CA TYR A 16 -3.37 -4.96 -1.96
C TYR A 16 -3.24 -6.17 -1.04
N ALA A 17 -2.24 -6.14 -0.17
CA ALA A 17 -2.00 -7.22 0.77
C ALA A 17 -3.27 -7.55 1.56
N ALA A 18 -3.95 -6.50 2.03
CA ALA A 18 -5.19 -6.68 2.78
C ALA A 18 -6.22 -7.43 1.96
N LYS A 19 -6.65 -6.81 0.86
CA LYS A 19 -7.65 -7.41 -0.02
C LYS A 19 -7.24 -8.83 -0.41
N ARG A 20 -6.00 -8.99 -0.86
CA ARG A 20 -5.49 -10.30 -1.26
C ARG A 20 -5.52 -11.28 -0.11
N LEU A 21 -4.96 -10.87 1.03
CA LEU A 21 -4.91 -11.70 2.21
C LEU A 21 -6.31 -12.20 2.59
N SER A 22 -7.33 -11.44 2.22
CA SER A 22 -8.71 -11.80 2.52
C SER A 22 -8.93 -11.90 4.03
N SER A 23 -9.55 -10.87 4.60
CA SER A 23 -9.83 -10.84 6.03
C SER A 23 -10.72 -12.00 6.45
N GLU A 1 13.85 8.04 -1.97
CA GLU A 1 12.39 7.77 -2.01
C GLU A 1 11.59 9.07 -2.03
N SER A 2 10.74 9.22 -3.04
CA SER A 2 9.91 10.41 -3.17
C SER A 2 8.95 10.56 -1.99
N PRO A 3 8.58 11.80 -1.64
CA PRO A 3 7.68 12.07 -0.52
C PRO A 3 6.29 11.46 -0.73
N GLU A 4 5.66 11.81 -1.85
CA GLU A 4 4.33 11.31 -2.17
C GLU A 4 4.37 9.79 -2.38
N GLN A 5 5.46 9.32 -2.99
CA GLN A 5 5.61 7.89 -3.25
C GLN A 5 5.49 7.08 -1.97
N ARG A 6 5.90 7.68 -0.85
CA ARG A 6 5.85 7.02 0.44
C ARG A 6 4.41 6.60 0.77
N ALA A 7 3.51 7.57 0.79
CA ALA A 7 2.11 7.30 1.10
C ALA A 7 1.47 6.42 0.04
N THR A 8 1.79 6.69 -1.23
CA THR A 8 1.24 5.92 -2.34
C THR A 8 1.59 4.44 -2.20
N ARG A 9 2.89 4.15 -2.24
CA ARG A 9 3.36 2.77 -2.11
C ARG A 9 2.91 2.17 -0.79
N LEU A 10 2.77 3.01 0.22
CA LEU A 10 2.34 2.57 1.55
C LEU A 10 0.87 2.17 1.51
N LYS A 11 0.04 3.04 0.95
CA LYS A 11 -1.39 2.77 0.86
C LYS A 11 -1.67 1.61 -0.08
N ARG A 12 -1.07 1.65 -1.27
CA ARG A 12 -1.25 0.60 -2.27
C ARG A 12 -0.82 -0.75 -1.72
N MET A 13 0.31 -0.77 -1.03
CA MET A 13 0.84 -2.01 -0.45
C MET A 13 -0.10 -2.55 0.63
N SER A 14 -0.60 -1.65 1.47
CA SER A 14 -1.49 -2.04 2.55
C SER A 14 -2.83 -2.53 2.01
N GLU A 15 -3.48 -1.70 1.20
CA GLU A 15 -4.76 -2.06 0.61
C GLU A 15 -4.67 -3.40 -0.09
N TYR A 16 -3.58 -3.62 -0.82
CA TYR A 16 -3.35 -4.85 -1.54
C TYR A 16 -3.22 -6.02 -0.55
N ALA A 17 -2.30 -5.86 0.41
CA ALA A 17 -2.07 -6.88 1.41
C ALA A 17 -3.36 -7.22 2.16
N ALA A 18 -4.10 -6.18 2.55
CA ALA A 18 -5.36 -6.37 3.26
C ALA A 18 -6.32 -7.23 2.45
N LYS A 19 -6.72 -6.72 1.29
CA LYS A 19 -7.64 -7.44 0.41
C LYS A 19 -7.17 -8.87 0.19
N ARG A 20 -5.90 -9.03 -0.18
CA ARG A 20 -5.34 -10.35 -0.43
C ARG A 20 -5.40 -11.22 0.83
N LEU A 21 -4.84 -10.70 1.92
CA LEU A 21 -4.83 -11.40 3.20
C LEU A 21 -6.24 -11.80 3.62
N SER A 22 -7.22 -10.96 3.27
CA SER A 22 -8.60 -11.22 3.62
C SER A 22 -9.09 -12.52 2.99
N SER A 23 -8.98 -12.62 1.66
CA SER A 23 -9.41 -13.81 0.94
C SER A 23 -10.90 -14.07 1.16
N GLU A 1 13.80 11.32 -3.25
CA GLU A 1 12.65 10.56 -2.67
C GLU A 1 11.79 11.45 -1.79
N SER A 2 10.48 11.33 -1.94
CA SER A 2 9.54 12.13 -1.16
C SER A 2 8.58 11.22 -0.38
N PRO A 3 7.93 11.77 0.66
CA PRO A 3 6.98 11.02 1.49
C PRO A 3 5.76 10.56 0.70
N GLU A 4 5.38 11.35 -0.30
CA GLU A 4 4.22 11.03 -1.14
C GLU A 4 4.43 9.70 -1.86
N GLN A 5 5.61 9.54 -2.45
CA GLN A 5 5.94 8.31 -3.17
C GLN A 5 5.84 7.10 -2.27
N ARG A 6 6.42 7.20 -1.07
CA ARG A 6 6.40 6.11 -0.11
C ARG A 6 4.97 5.73 0.25
N ALA A 7 4.14 6.75 0.50
CA ALA A 7 2.74 6.53 0.85
C ALA A 7 1.99 5.80 -0.27
N THR A 8 2.30 6.16 -1.51
CA THR A 8 1.67 5.55 -2.66
C THR A 8 1.92 4.04 -2.69
N ARG A 9 3.19 3.66 -2.82
CA ARG A 9 3.57 2.26 -2.86
C ARG A 9 3.16 1.55 -1.57
N LEU A 10 3.18 2.31 -0.47
CA LEU A 10 2.79 1.77 0.83
C LEU A 10 1.31 1.47 0.89
N LYS A 11 0.49 2.44 0.49
CA LYS A 11 -0.95 2.27 0.49
C LYS A 11 -1.37 1.16 -0.47
N ARG A 12 -0.80 1.18 -1.67
CA ARG A 12 -1.11 0.18 -2.68
C ARG A 12 -0.77 -1.23 -2.19
N MET A 13 0.38 -1.34 -1.52
CA MET A 13 0.83 -2.63 -0.99
C MET A 13 -0.10 -3.12 0.11
N SER A 14 -0.60 -2.19 0.93
CA SER A 14 -1.49 -2.53 2.03
C SER A 14 -2.87 -2.90 1.52
N GLU A 15 -3.48 -2.00 0.77
CA GLU A 15 -4.81 -2.23 0.21
C GLU A 15 -4.85 -3.55 -0.55
N TYR A 16 -3.78 -3.83 -1.30
CA TYR A 16 -3.68 -5.05 -2.07
C TYR A 16 -3.62 -6.25 -1.14
N ALA A 17 -2.68 -6.20 -0.20
CA ALA A 17 -2.49 -7.28 0.77
C ALA A 17 -3.79 -7.56 1.52
N ALA A 18 -4.42 -6.50 2.02
CA ALA A 18 -5.67 -6.62 2.76
C ALA A 18 -6.72 -7.34 1.92
N LYS A 19 -7.11 -6.71 0.81
CA LYS A 19 -8.12 -7.28 -0.08
C LYS A 19 -7.79 -8.73 -0.44
N ARG A 20 -6.59 -8.95 -0.98
CA ARG A 20 -6.17 -10.29 -1.36
C ARG A 20 -6.17 -11.23 -0.17
N LEU A 21 -5.61 -10.78 0.95
CA LEU A 21 -5.54 -11.59 2.15
C LEU A 21 -6.93 -12.03 2.59
N SER A 22 -7.92 -11.16 2.40
CA SER A 22 -9.29 -11.47 2.76
C SER A 22 -9.41 -11.77 4.25
N SER A 23 -8.57 -11.12 5.05
CA SER A 23 -8.57 -11.31 6.49
C SER A 23 -7.56 -10.39 7.17
N GLU A 1 14.21 10.37 -4.09
CA GLU A 1 13.62 10.41 -2.73
C GLU A 1 12.40 11.33 -2.69
N SER A 2 11.22 10.73 -2.73
CA SER A 2 9.97 11.50 -2.71
C SER A 2 9.12 11.10 -1.49
N PRO A 3 8.46 12.08 -0.86
CA PRO A 3 7.61 11.82 0.31
C PRO A 3 6.28 11.18 -0.07
N GLU A 4 5.66 11.71 -1.11
CA GLU A 4 4.37 11.20 -1.58
C GLU A 4 4.50 9.75 -2.05
N GLN A 5 5.65 9.43 -2.62
CA GLN A 5 5.91 8.08 -3.12
C GLN A 5 5.73 7.04 -2.01
N ARG A 6 6.13 7.41 -0.80
CA ARG A 6 6.02 6.52 0.35
C ARG A 6 4.57 6.14 0.61
N ALA A 7 3.71 7.15 0.72
CA ALA A 7 2.29 6.93 0.97
C ALA A 7 1.66 6.12 -0.16
N THR A 8 2.06 6.41 -1.39
CA THR A 8 1.53 5.72 -2.56
C THR A 8 1.81 4.22 -2.47
N ARG A 9 3.09 3.86 -2.45
CA ARG A 9 3.49 2.46 -2.37
C ARG A 9 2.97 1.83 -1.08
N LEU A 10 2.90 2.65 -0.03
CA LEU A 10 2.42 2.18 1.26
C LEU A 10 0.93 1.86 1.21
N LYS A 11 0.18 2.73 0.55
CA LYS A 11 -1.27 2.54 0.41
C LYS A 11 -1.58 1.31 -0.43
N ARG A 12 -0.99 1.24 -1.62
CA ARG A 12 -1.21 0.11 -2.53
C ARG A 12 -0.83 -1.20 -1.85
N MET A 13 0.26 -1.19 -1.11
CA MET A 13 0.74 -2.38 -0.41
C MET A 13 -0.25 -2.80 0.68
N SER A 14 -0.80 -1.83 1.39
CA SER A 14 -1.75 -2.11 2.45
C SER A 14 -3.07 -2.63 1.89
N GLU A 15 -3.71 -1.84 1.05
CA GLU A 15 -4.97 -2.23 0.43
C GLU A 15 -4.86 -3.61 -0.18
N TYR A 16 -3.71 -3.87 -0.81
CA TYR A 16 -3.46 -5.16 -1.44
C TYR A 16 -3.36 -6.25 -0.38
N ALA A 17 -2.45 -6.05 0.58
CA ALA A 17 -2.25 -7.00 1.67
C ALA A 17 -3.58 -7.31 2.37
N ALA A 18 -4.33 -6.26 2.67
CA ALA A 18 -5.61 -6.40 3.33
C ALA A 18 -6.54 -7.30 2.53
N LYS A 19 -6.92 -6.83 1.35
CA LYS A 19 -7.81 -7.59 0.47
C LYS A 19 -7.31 -9.02 0.28
N ARG A 20 -6.02 -9.17 0.01
CA ARG A 20 -5.43 -10.49 -0.19
C ARG A 20 -5.51 -11.33 1.08
N LEU A 21 -5.05 -10.76 2.19
CA LEU A 21 -5.07 -11.45 3.47
C LEU A 21 -6.47 -11.94 3.81
N SER A 22 -7.45 -11.06 3.68
CA SER A 22 -8.83 -11.41 3.98
C SER A 22 -9.33 -12.49 3.03
N SER A 23 -9.45 -12.14 1.75
CA SER A 23 -9.91 -13.09 0.74
C SER A 23 -11.32 -13.58 1.06
N GLU A 1 13.70 10.05 -4.31
CA GLU A 1 12.61 9.50 -3.47
C GLU A 1 11.83 10.63 -2.80
N SER A 2 10.61 10.86 -3.29
CA SER A 2 9.75 11.90 -2.75
C SER A 2 8.95 11.38 -1.55
N PRO A 3 8.39 12.29 -0.74
CA PRO A 3 7.60 11.92 0.43
C PRO A 3 6.27 11.27 0.06
N GLU A 4 5.61 11.82 -0.96
CA GLU A 4 4.33 11.30 -1.43
C GLU A 4 4.49 9.86 -1.92
N GLN A 5 5.63 9.57 -2.52
CA GLN A 5 5.90 8.23 -3.04
C GLN A 5 5.79 7.18 -1.93
N ARG A 6 6.15 7.58 -0.71
CA ARG A 6 6.08 6.67 0.44
C ARG A 6 4.65 6.22 0.69
N ALA A 7 3.74 7.18 0.80
CA ALA A 7 2.33 6.88 1.04
C ALA A 7 1.73 6.10 -0.11
N THR A 8 2.12 6.46 -1.33
CA THR A 8 1.61 5.78 -2.52
C THR A 8 1.93 4.29 -2.48
N ARG A 9 3.21 3.96 -2.50
CA ARG A 9 3.64 2.57 -2.46
C ARG A 9 3.14 1.89 -1.19
N LEU A 10 3.10 2.65 -0.09
CA LEU A 10 2.64 2.13 1.19
C LEU A 10 1.17 1.76 1.12
N LYS A 11 0.36 2.65 0.54
CA LYS A 11 -1.07 2.42 0.42
C LYS A 11 -1.34 1.19 -0.45
N ARG A 12 -0.65 1.10 -1.58
CA ARG A 12 -0.80 -0.02 -2.50
C ARG A 12 -0.48 -1.34 -1.80
N MET A 13 0.60 -1.34 -1.02
CA MET A 13 1.02 -2.54 -0.31
C MET A 13 -0.01 -2.92 0.76
N SER A 14 -0.48 -1.93 1.50
CA SER A 14 -1.46 -2.16 2.55
C SER A 14 -2.79 -2.63 1.96
N GLU A 15 -3.33 -1.84 1.04
CA GLU A 15 -4.60 -2.17 0.40
C GLU A 15 -4.55 -3.59 -0.16
N TYR A 16 -3.41 -3.96 -0.74
CA TYR A 16 -3.23 -5.29 -1.30
C TYR A 16 -3.30 -6.33 -0.19
N ALA A 17 -2.45 -6.18 0.82
CA ALA A 17 -2.40 -7.10 1.95
C ALA A 17 -3.79 -7.30 2.55
N ALA A 18 -4.49 -6.19 2.76
CA ALA A 18 -5.84 -6.24 3.32
C ALA A 18 -6.76 -7.09 2.46
N LYS A 19 -7.00 -6.64 1.23
CA LYS A 19 -7.87 -7.35 0.30
C LYS A 19 -7.46 -8.82 0.18
N ARG A 20 -6.17 -9.06 0.01
CA ARG A 20 -5.65 -10.41 -0.12
C ARG A 20 -5.89 -11.22 1.15
N LEU A 21 -5.48 -10.65 2.28
CA LEU A 21 -5.64 -11.31 3.57
C LEU A 21 -7.11 -11.68 3.81
N SER A 22 -8.01 -10.79 3.39
CA SER A 22 -9.43 -11.01 3.55
C SER A 22 -9.89 -12.26 2.80
N SER A 23 -9.59 -12.31 1.50
CA SER A 23 -9.96 -13.45 0.67
C SER A 23 -9.31 -14.73 1.19
N GLU A 1 11.94 9.37 -4.74
CA GLU A 1 12.58 9.79 -3.47
C GLU A 1 11.84 10.97 -2.84
N SER A 2 10.51 10.89 -2.86
CA SER A 2 9.68 11.94 -2.28
C SER A 2 8.77 11.40 -1.19
N PRO A 3 8.15 12.29 -0.39
CA PRO A 3 7.25 11.89 0.69
C PRO A 3 5.96 11.27 0.17
N GLU A 4 5.43 11.84 -0.90
CA GLU A 4 4.19 11.36 -1.50
C GLU A 4 4.35 9.92 -1.98
N GLN A 5 5.49 9.64 -2.62
CA GLN A 5 5.77 8.31 -3.14
C GLN A 5 5.69 7.26 -2.02
N ARG A 6 6.15 7.64 -0.84
CA ARG A 6 6.13 6.75 0.31
C ARG A 6 4.70 6.29 0.61
N ALA A 7 3.79 7.24 0.73
CA ALA A 7 2.40 6.94 1.03
C ALA A 7 1.77 6.12 -0.09
N THR A 8 2.09 6.46 -1.33
CA THR A 8 1.56 5.76 -2.48
C THR A 8 1.92 4.27 -2.43
N ARG A 9 3.20 3.97 -2.48
CA ARG A 9 3.67 2.59 -2.43
C ARG A 9 3.23 1.93 -1.13
N LEU A 10 3.14 2.72 -0.07
CA LEU A 10 2.73 2.20 1.23
C LEU A 10 1.26 1.78 1.20
N LYS A 11 0.41 2.65 0.68
CA LYS A 11 -1.02 2.37 0.58
C LYS A 11 -1.26 1.14 -0.30
N ARG A 12 -0.61 1.10 -1.45
CA ARG A 12 -0.75 -0.01 -2.38
C ARG A 12 -0.34 -1.33 -1.71
N MET A 13 0.73 -1.27 -0.94
CA MET A 13 1.23 -2.47 -0.26
C MET A 13 0.24 -2.95 0.80
N SER A 14 -0.39 -2.01 1.49
CA SER A 14 -1.37 -2.34 2.52
C SER A 14 -2.68 -2.84 1.92
N GLU A 15 -3.28 -2.00 1.08
CA GLU A 15 -4.54 -2.37 0.43
C GLU A 15 -4.43 -3.72 -0.25
N TYR A 16 -3.26 -3.99 -0.82
CA TYR A 16 -3.01 -5.26 -1.49
C TYR A 16 -3.01 -6.39 -0.46
N ALA A 17 -2.15 -6.26 0.54
CA ALA A 17 -2.04 -7.27 1.60
C ALA A 17 -3.41 -7.56 2.20
N ALA A 18 -4.17 -6.52 2.48
CA ALA A 18 -5.50 -6.67 3.05
C ALA A 18 -6.40 -7.50 2.14
N LYS A 19 -6.67 -6.96 0.95
CA LYS A 19 -7.50 -7.64 -0.03
C LYS A 19 -7.05 -9.08 -0.25
N ARG A 20 -5.74 -9.27 -0.38
CA ARG A 20 -5.17 -10.60 -0.59
C ARG A 20 -5.38 -11.48 0.64
N LEU A 21 -4.96 -10.98 1.79
CA LEU A 21 -5.09 -11.71 3.04
C LEU A 21 -6.56 -12.08 3.30
N SER A 22 -7.33 -11.12 3.78
CA SER A 22 -8.74 -11.34 4.06
C SER A 22 -9.53 -11.50 2.77
N SER A 23 -10.82 -11.85 2.92
CA SER A 23 -11.69 -12.04 1.76
C SER A 23 -13.12 -12.35 2.22
N GLU A 1 12.07 11.18 -5.65
CA GLU A 1 12.27 10.88 -4.21
C GLU A 1 11.48 11.83 -3.33
N SER A 2 10.16 11.82 -3.50
CA SER A 2 9.28 12.70 -2.71
C SER A 2 8.65 11.93 -1.56
N PRO A 3 8.06 12.65 -0.59
CA PRO A 3 7.42 12.03 0.58
C PRO A 3 6.17 11.25 0.20
N GLU A 4 5.49 11.70 -0.85
CA GLU A 4 4.28 11.04 -1.32
C GLU A 4 4.58 9.62 -1.81
N GLN A 5 5.79 9.43 -2.33
CA GLN A 5 6.19 8.12 -2.84
C GLN A 5 6.07 7.05 -1.76
N ARG A 6 6.41 7.41 -0.53
CA ARG A 6 6.33 6.48 0.59
C ARG A 6 4.90 6.01 0.80
N ALA A 7 3.97 6.96 0.89
CA ALA A 7 2.56 6.64 1.10
C ALA A 7 2.02 5.80 -0.05
N THR A 8 2.44 6.11 -1.27
CA THR A 8 2.00 5.38 -2.45
C THR A 8 2.33 3.89 -2.34
N ARG A 9 3.62 3.58 -2.30
CA ARG A 9 4.06 2.20 -2.18
C ARG A 9 3.51 1.56 -0.91
N LEU A 10 3.46 2.36 0.15
CA LEU A 10 2.95 1.89 1.43
C LEU A 10 1.47 1.53 1.33
N LYS A 11 0.71 2.40 0.66
CA LYS A 11 -0.72 2.18 0.47
C LYS A 11 -0.97 0.97 -0.42
N ARG A 12 -0.22 0.87 -1.51
CA ARG A 12 -0.36 -0.24 -2.44
C ARG A 12 -0.14 -1.58 -1.73
N MET A 13 0.91 -1.64 -0.91
CA MET A 13 1.23 -2.86 -0.17
C MET A 13 0.14 -3.19 0.84
N SER A 14 -0.34 -2.16 1.53
CA SER A 14 -1.39 -2.34 2.54
C SER A 14 -2.71 -2.73 1.89
N GLU A 15 -3.16 -1.93 0.94
CA GLU A 15 -4.41 -2.19 0.24
C GLU A 15 -4.42 -3.60 -0.33
N TYR A 16 -3.29 -4.03 -0.87
CA TYR A 16 -3.15 -5.36 -1.42
C TYR A 16 -3.30 -6.41 -0.33
N ALA A 17 -2.48 -6.26 0.71
CA ALA A 17 -2.51 -7.19 1.84
C ALA A 17 -3.91 -7.30 2.44
N ALA A 18 -4.55 -6.14 2.61
CA ALA A 18 -5.91 -6.10 3.17
C ALA A 18 -6.86 -6.91 2.31
N LYS A 19 -7.06 -6.47 1.07
CA LYS A 19 -7.96 -7.14 0.14
C LYS A 19 -7.67 -8.64 0.08
N ARG A 20 -6.40 -8.99 -0.08
CA ARG A 20 -5.99 -10.39 -0.16
C ARG A 20 -6.26 -11.11 1.15
N LEU A 21 -5.81 -10.51 2.26
CA LEU A 21 -5.99 -11.10 3.57
C LEU A 21 -7.47 -11.41 3.84
N SER A 22 -8.35 -10.60 3.28
CA SER A 22 -9.79 -10.79 3.45
C SER A 22 -10.22 -12.15 2.91
N SER A 23 -10.10 -12.33 1.59
CA SER A 23 -10.48 -13.59 0.96
C SER A 23 -9.65 -14.74 1.50
#